data_2Z5B
#
_entry.id   2Z5B
#
_cell.length_a   57.487
_cell.length_b   57.487
_cell.length_c   82.206
_cell.angle_alpha   90.00
_cell.angle_beta   90.00
_cell.angle_gamma   120.00
#
_symmetry.space_group_name_H-M   'P 31'
#
loop_
_entity.id
_entity.type
_entity.pdbx_description
1 polymer 'Protein YPL144W'
2 polymer 'Uncharacterized protein YLR021W'
3 water water
#
loop_
_entity_poly.entity_id
_entity_poly.type
_entity_poly.pdbx_seq_one_letter_code
_entity_poly.pdbx_strand_id
1 'polypeptide(L)'
;GSHMLVKTISRTIESESGFLQPTLDVIATLPADDRSKKIPISLVVGFKQEASLNSSSSLSCYYYAIPLMRDRHINLKSGG
SNVVGIPLLDTKDDRIRDMARHMATIISERFNRPCYVTWSSLPSEDPSMLVANHLYILKKCLDLLKTELGE
;
A
2 'polypeptide(L)'
;MISYEFQTHLPKGKDSSLNASSENKELYVQATHFNNTILLQIRLNGEMDSTYEVSSKGLNPILDINVPLAGNLGNTGGDY
DDEEEEFVRDHLSDYQVVTKLGDSADPKVPVVCVQIAELYRRVILPEVSGTMAQDNMQFSLLISMSSKIWRATKEQSADD
NDFGKLVFVLKCIKDMYAK
;
B
#
# COMPACT_ATOMS: atom_id res chain seq x y z
N MET A 4 3.63 -18.97 7.28
CA MET A 4 3.37 -17.67 6.57
C MET A 4 4.41 -16.63 7.02
N LEU A 5 5.06 -15.98 6.07
CA LEU A 5 6.20 -15.11 6.39
C LEU A 5 5.81 -13.71 6.81
N VAL A 6 4.58 -13.31 6.47
CA VAL A 6 4.06 -12.00 6.83
C VAL A 6 2.68 -12.18 7.44
N LYS A 7 2.23 -11.22 8.24
CA LYS A 7 0.84 -11.19 8.68
C LYS A 7 0.35 -9.77 8.87
N THR A 8 -0.95 -9.56 8.72
CA THR A 8 -1.46 -8.25 9.09
C THR A 8 -2.42 -8.33 10.24
N ILE A 9 -2.34 -7.30 11.07
CA ILE A 9 -3.15 -7.22 12.26
C ILE A 9 -3.91 -5.90 12.22
N SER A 10 -5.08 -5.88 12.85
CA SER A 10 -5.89 -4.68 13.03
C SER A 10 -5.95 -4.43 14.52
N ARG A 11 -5.64 -3.19 14.93
CA ARG A 11 -5.58 -2.86 16.34
C ARG A 11 -6.14 -1.48 16.58
N THR A 12 -6.84 -1.34 17.70
CA THR A 12 -7.19 -0.02 18.18
C THR A 12 -6.29 0.28 19.36
N ILE A 13 -5.68 1.46 19.39
CA ILE A 13 -4.98 1.79 20.59
C ILE A 13 -5.66 2.91 21.36
N GLU A 14 -6.02 2.56 22.59
CA GLU A 14 -6.95 3.33 23.42
C GLU A 14 -6.25 4.25 24.42
N SER A 15 -6.96 4.53 25.51
CA SER A 15 -6.58 5.43 26.60
C SER A 15 -5.64 6.57 26.28
N GLN A 21 -6.40 12.52 24.77
CA GLN A 21 -5.55 11.99 23.69
C GLN A 21 -6.39 11.12 22.78
N PRO A 22 -6.19 11.25 21.46
CA PRO A 22 -7.05 10.56 20.51
C PRO A 22 -6.77 9.06 20.50
N THR A 23 -7.83 8.30 20.29
CA THR A 23 -7.75 6.89 20.07
C THR A 23 -7.25 6.66 18.65
N LEU A 24 -6.35 5.69 18.47
CA LEU A 24 -5.78 5.47 17.14
C LEU A 24 -6.26 4.15 16.56
N ASP A 25 -6.40 4.14 15.25
CA ASP A 25 -6.81 2.98 14.46
C ASP A 25 -5.61 2.55 13.61
N VAL A 26 -5.25 1.28 13.69
CA VAL A 26 -4.04 0.75 13.08
C VAL A 26 -4.34 -0.52 12.25
N ILE A 27 -3.77 -0.57 11.05
CA ILE A 27 -3.56 -1.83 10.33
C ILE A 27 -2.05 -1.93 10.08
N ALA A 28 -1.42 -3.02 10.51
CA ALA A 28 0.02 -3.19 10.36
C ALA A 28 0.29 -4.50 9.65
N THR A 29 1.13 -4.47 8.62
CA THR A 29 1.63 -5.69 7.99
C THR A 29 3.07 -5.90 8.42
N LEU A 30 3.32 -7.08 8.98
CA LEU A 30 4.53 -7.36 9.74
C LEU A 30 5.15 -8.71 9.36
N PRO A 31 6.50 -8.81 9.40
CA PRO A 31 7.15 -10.13 9.33
C PRO A 31 6.64 -11.00 10.47
N ALA A 32 6.31 -12.24 10.17
CA ALA A 32 5.82 -13.18 11.19
C ALA A 32 6.96 -13.66 12.07
N ASP A 33 8.16 -13.69 11.48
CA ASP A 33 9.38 -14.13 12.13
C ASP A 33 10.36 -12.97 12.06
N ASP A 34 10.89 -12.55 13.20
CA ASP A 34 11.62 -11.30 13.20
C ASP A 34 12.95 -11.21 13.96
N ARG A 35 14.00 -10.97 13.17
CA ARG A 35 15.12 -10.16 13.59
C ARG A 35 15.07 -8.93 12.68
N SER A 36 16.23 -8.38 12.31
CA SER A 36 16.29 -7.15 11.52
C SER A 36 16.71 -7.45 10.08
N LYS A 37 15.75 -7.41 9.14
CA LYS A 37 16.02 -7.83 7.76
C LYS A 37 15.13 -7.30 6.60
N LYS A 38 14.74 -8.22 5.72
CA LYS A 38 14.32 -7.91 4.35
C LYS A 38 12.83 -7.61 4.18
N ILE A 39 11.99 -8.16 5.07
CA ILE A 39 10.55 -7.98 4.97
C ILE A 39 10.16 -6.62 5.57
N PRO A 40 9.54 -5.76 4.77
CA PRO A 40 9.14 -4.42 5.22
C PRO A 40 7.97 -4.42 6.19
N ILE A 41 7.93 -3.42 7.06
CA ILE A 41 6.73 -3.16 7.86
C ILE A 41 5.90 -2.19 7.03
N SER A 42 4.60 -2.42 6.95
CA SER A 42 3.66 -1.43 6.44
C SER A 42 2.72 -1.05 7.58
N LEU A 43 2.54 0.24 7.80
CA LEU A 43 1.64 0.70 8.85
C LEU A 43 0.64 1.65 8.27
N VAL A 44 -0.64 1.37 8.51
CA VAL A 44 -1.69 2.35 8.24
C VAL A 44 -2.17 2.84 9.62
N VAL A 45 -2.14 4.15 9.83
CA VAL A 45 -2.48 4.72 11.14
C VAL A 45 -3.32 5.99 10.99
N GLY A 46 -4.30 6.17 11.88
CA GLY A 46 -5.16 7.34 11.87
C GLY A 46 -5.92 7.44 13.16
N PHE A 47 -6.72 8.48 13.30
CA PHE A 47 -7.62 8.59 14.43
C PHE A 47 -8.79 7.65 14.21
N LYS A 48 -9.44 7.27 15.30
CA LYS A 48 -10.62 6.42 15.21
C LYS A 48 -11.86 7.20 15.64
N GLN A 49 -12.95 6.97 14.93
CA GLN A 49 -14.26 7.46 15.33
C GLN A 49 -15.17 6.27 15.67
N GLU A 50 -15.95 6.43 16.74
CA GLU A 50 -17.15 5.63 17.10
C GLU A 50 -16.89 4.47 18.06
N SER A 56 -14.03 5.63 3.93
CA SER A 56 -14.44 6.95 4.39
C SER A 56 -13.25 7.90 4.63
N SER A 57 -12.22 7.39 5.29
CA SER A 57 -11.00 8.17 5.55
C SER A 57 -10.17 8.38 4.29
N SER A 58 -9.30 9.39 4.31
CA SER A 58 -8.44 9.69 3.17
C SER A 58 -7.05 9.15 3.42
N LEU A 59 -6.40 8.67 2.36
CA LEU A 59 -4.98 8.35 2.43
C LEU A 59 -4.24 9.68 2.23
N SER A 60 -3.76 10.27 3.32
CA SER A 60 -3.24 11.64 3.25
C SER A 60 -1.79 11.68 2.81
N CYS A 61 -1.03 10.71 3.27
CA CYS A 61 0.40 10.62 2.94
C CYS A 61 0.85 9.17 3.02
N TYR A 62 1.74 8.76 2.11
CA TYR A 62 2.34 7.40 2.06
C TYR A 62 3.82 7.64 2.06
N TYR A 63 4.51 7.21 3.11
CA TYR A 63 5.92 7.51 3.31
C TYR A 63 6.74 6.23 3.38
N TYR A 64 7.91 6.22 2.75
CA TYR A 64 8.81 5.08 2.76
C TYR A 64 10.15 5.40 3.42
N ALA A 65 10.66 4.46 4.24
CA ALA A 65 12.04 4.56 4.75
C ALA A 65 12.73 3.19 4.80
N ILE A 66 14.05 3.21 4.74
CA ILE A 66 14.86 2.00 4.72
C ILE A 66 16.26 2.36 5.26
N PRO A 67 16.89 1.45 6.03
CA PRO A 67 18.28 1.70 6.44
C PRO A 67 19.16 1.81 5.20
N LEU A 68 20.03 2.83 5.16
CA LEU A 68 20.89 3.04 3.98
C LEU A 68 22.02 2.01 3.90
N MET A 69 22.60 1.65 5.04
CA MET A 69 23.83 0.82 5.06
C MET A 69 23.63 -0.62 5.55
N ARG A 70 24.67 -1.16 6.19
CA ARG A 70 24.74 -2.54 6.69
C ARG A 70 25.11 -3.53 5.58
N SER A 81 23.30 5.36 12.92
CA SER A 81 22.45 4.70 11.93
C SER A 81 21.96 5.69 10.86
N ASN A 82 22.15 5.34 9.59
CA ASN A 82 21.52 6.10 8.51
C ASN A 82 20.30 5.38 7.90
N VAL A 83 19.14 5.98 8.09
CA VAL A 83 17.91 5.58 7.40
C VAL A 83 17.57 6.69 6.39
N VAL A 84 17.29 6.30 5.15
CA VAL A 84 16.87 7.25 4.12
C VAL A 84 15.36 7.11 3.88
N GLY A 85 14.67 8.22 3.65
CA GLY A 85 13.23 8.16 3.48
C GLY A 85 12.73 9.17 2.47
N ILE A 86 11.57 8.86 1.89
CA ILE A 86 10.93 9.73 0.93
C ILE A 86 9.41 9.56 0.94
N PRO A 87 8.67 10.66 0.70
CA PRO A 87 7.24 10.53 0.46
C PRO A 87 6.96 9.80 -0.86
N LEU A 88 6.14 8.76 -0.77
CA LEU A 88 5.68 8.08 -1.99
C LEU A 88 4.39 8.72 -2.51
N LEU A 89 3.51 9.10 -1.60
CA LEU A 89 2.42 9.99 -1.96
C LEU A 89 2.53 11.16 -1.00
N ASP A 90 2.97 12.31 -1.52
CA ASP A 90 3.25 13.48 -0.68
C ASP A 90 1.96 14.21 -0.32
N THR A 91 2.02 15.00 0.76
CA THR A 91 0.93 15.93 1.12
C THR A 91 1.51 17.34 1.23
N LYS A 92 0.68 18.35 0.96
CA LYS A 92 1.12 19.73 1.12
C LYS A 92 1.07 20.16 2.58
N ASP A 93 0.29 19.43 3.39
CA ASP A 93 0.16 19.71 4.82
C ASP A 93 1.37 19.22 5.61
N ASP A 94 2.22 20.14 6.06
CA ASP A 94 3.41 19.80 6.88
C ASP A 94 3.08 18.97 8.12
N ARG A 95 1.92 19.23 8.73
CA ARG A 95 1.51 18.56 9.97
C ARG A 95 1.30 17.05 9.75
N ILE A 96 0.70 16.72 8.61
CA ILE A 96 0.56 15.32 8.19
C ILE A 96 1.90 14.74 7.72
N ARG A 97 2.61 15.45 6.84
CA ARG A 97 3.93 15.00 6.33
C ARG A 97 4.95 14.71 7.42
N ASP A 98 5.04 15.63 8.39
CA ASP A 98 5.93 15.45 9.56
C ASP A 98 5.65 14.11 10.24
N MET A 99 4.38 13.84 10.50
CA MET A 99 4.00 12.63 11.21
C MET A 99 4.40 11.37 10.45
N ALA A 100 4.04 11.31 9.16
CA ALA A 100 4.31 10.15 8.30
C ALA A 100 5.80 9.94 8.13
N ARG A 101 6.54 11.05 7.97
CA ARG A 101 8.00 11.00 7.85
C ARG A 101 8.63 10.46 9.11
N HIS A 102 8.29 11.06 10.26
CA HIS A 102 8.82 10.60 11.55
C HIS A 102 8.46 9.15 11.82
N MET A 103 7.20 8.80 11.58
CA MET A 103 6.74 7.43 11.79
C MET A 103 7.57 6.42 11.01
N ALA A 104 7.68 6.62 9.71
CA ALA A 104 8.40 5.69 8.87
C ALA A 104 9.87 5.64 9.26
N THR A 105 10.48 6.81 9.45
CA THR A 105 11.92 6.90 9.75
C THR A 105 12.26 6.28 11.10
N ILE A 106 11.47 6.61 12.12
CA ILE A 106 11.71 6.04 13.45
C ILE A 106 11.45 4.52 13.50
N ILE A 107 10.39 4.06 12.83
CA ILE A 107 10.12 2.63 12.77
C ILE A 107 11.28 1.89 12.09
N SER A 108 11.73 2.42 10.95
CA SER A 108 12.83 1.81 10.20
C SER A 108 14.12 1.74 11.04
N GLU A 109 14.45 2.84 11.72
CA GLU A 109 15.56 2.85 12.66
C GLU A 109 15.36 1.83 13.78
N ARG A 110 14.19 1.87 14.40
CA ARG A 110 13.93 1.05 15.56
C ARG A 110 14.08 -0.44 15.25
N PHE A 111 13.65 -0.85 14.06
CA PHE A 111 13.57 -2.27 13.77
C PHE A 111 14.50 -2.74 12.67
N ASN A 112 15.29 -1.79 12.16
CA ASN A 112 16.30 -2.07 11.14
C ASN A 112 15.73 -2.81 9.93
N ARG A 113 14.62 -2.28 9.41
CA ARG A 113 13.98 -2.83 8.21
C ARG A 113 13.25 -1.74 7.44
N PRO A 114 12.91 -2.01 6.15
CA PRO A 114 12.19 -0.97 5.43
C PRO A 114 10.79 -0.83 6.05
N CYS A 115 10.19 0.35 5.87
CA CYS A 115 8.88 0.67 6.44
C CYS A 115 8.10 1.56 5.47
N TYR A 116 6.83 1.22 5.30
CA TYR A 116 5.88 2.00 4.54
C TYR A 116 4.86 2.49 5.55
N VAL A 117 4.60 3.79 5.56
CA VAL A 117 3.61 4.34 6.49
C VAL A 117 2.52 5.11 5.76
N THR A 118 1.27 4.80 6.06
CA THR A 118 0.18 5.61 5.60
C THR A 118 -0.42 6.39 6.75
N TRP A 119 -0.64 7.69 6.57
CA TRP A 119 -1.47 8.45 7.50
C TRP A 119 -2.89 8.55 6.92
N SER A 120 -3.83 7.97 7.65
CA SER A 120 -5.24 7.92 7.27
C SER A 120 -5.97 9.03 8.02
N SER A 121 -6.63 9.92 7.27
CA SER A 121 -7.30 11.08 7.85
C SER A 121 -8.81 10.90 7.89
N LEU A 122 -9.37 10.90 9.09
CA LEU A 122 -10.82 10.97 9.24
C LEU A 122 -11.40 12.14 8.44
N PRO A 123 -12.62 11.98 7.91
CA PRO A 123 -13.24 13.14 7.27
C PRO A 123 -13.19 14.36 8.18
N SER A 124 -13.27 14.15 9.50
CA SER A 124 -13.38 15.22 10.50
C SER A 124 -12.06 15.75 11.06
N GLU A 125 -10.96 15.12 10.64
CA GLU A 125 -9.64 15.44 11.17
C GLU A 125 -9.27 16.92 11.15
N ASP A 126 -8.84 17.39 12.31
CA ASP A 126 -8.10 18.63 12.41
C ASP A 126 -6.61 18.23 12.60
N PRO A 127 -5.76 18.39 11.57
CA PRO A 127 -4.37 17.97 11.76
C PRO A 127 -3.56 18.66 12.87
N SER A 128 -4.07 19.74 13.48
CA SER A 128 -3.45 20.27 14.71
C SER A 128 -3.35 19.24 15.83
N MET A 129 -4.26 18.27 15.82
CA MET A 129 -4.23 17.11 16.73
C MET A 129 -2.95 16.27 16.58
N LEU A 130 -2.42 16.19 15.36
CA LEU A 130 -1.17 15.44 15.10
C LEU A 130 0.00 16.17 15.75
N VAL A 131 -0.03 17.50 15.69
CA VAL A 131 1.01 18.35 16.31
C VAL A 131 0.96 18.21 17.82
N ALA A 132 -0.24 18.30 18.39
CA ALA A 132 -0.43 18.30 19.84
C ALA A 132 -0.11 16.95 20.46
N ASN A 133 -0.32 15.88 19.70
CA ASN A 133 -0.16 14.52 20.19
C ASN A 133 1.00 13.80 19.47
N HIS A 134 1.83 14.60 18.79
CA HIS A 134 2.89 14.07 17.94
C HIS A 134 3.72 12.95 18.60
N LEU A 135 4.34 13.24 19.75
CA LEU A 135 5.19 12.27 20.45
C LEU A 135 4.41 11.06 20.95
N TYR A 136 3.23 11.29 21.51
CA TYR A 136 2.34 10.21 21.94
C TYR A 136 2.06 9.23 20.80
N ILE A 137 1.72 9.75 19.63
CA ILE A 137 1.32 8.87 18.52
C ILE A 137 2.50 7.99 18.11
N LEU A 138 3.67 8.61 17.93
CA LEU A 138 4.87 7.85 17.60
C LEU A 138 5.21 6.74 18.61
N LYS A 139 5.25 7.09 19.90
CA LYS A 139 5.60 6.08 20.93
C LYS A 139 4.60 4.94 21.04
N LYS A 140 3.31 5.26 20.93
CA LYS A 140 2.29 4.21 21.00
C LYS A 140 2.40 3.24 19.83
N CYS A 141 2.79 3.77 18.67
CA CYS A 141 2.96 2.89 17.50
C CYS A 141 4.20 2.05 17.63
N LEU A 142 5.28 2.62 18.15
CA LEU A 142 6.49 1.85 18.46
C LEU A 142 6.24 0.73 19.47
N ASP A 143 5.55 1.08 20.55
CA ASP A 143 5.13 0.12 21.56
C ASP A 143 4.35 -1.06 21.01
N LEU A 144 3.34 -0.74 20.20
CA LEU A 144 2.53 -1.76 19.57
C LEU A 144 3.39 -2.70 18.74
N LEU A 145 4.22 -2.13 17.88
CA LEU A 145 5.11 -2.85 16.98
C LEU A 145 6.15 -3.72 17.71
N LYS A 146 6.75 -3.19 18.77
CA LYS A 146 7.60 -3.98 19.67
C LYS A 146 6.91 -5.28 20.10
N THR A 147 5.76 -5.14 20.74
CA THR A 147 4.97 -6.25 21.22
C THR A 147 4.65 -7.22 20.10
N GLU A 148 4.12 -6.68 19.00
CA GLU A 148 3.64 -7.50 17.89
C GLU A 148 4.77 -8.14 17.11
N LEU A 149 5.97 -7.59 17.22
CA LEU A 149 7.15 -8.24 16.68
C LEU A 149 7.83 -9.06 17.78
N GLY A 150 7.36 -8.91 19.01
CA GLY A 150 7.99 -9.55 20.17
C GLY A 150 9.33 -8.93 20.54
N MET B 1 -9.53 1.10 8.68
CA MET B 1 -10.36 0.22 9.57
C MET B 1 -10.66 -1.11 8.88
N ILE B 2 -11.05 -1.09 7.61
CA ILE B 2 -11.31 -2.34 6.89
C ILE B 2 -10.12 -2.81 6.04
N SER B 3 -9.57 -3.96 6.41
CA SER B 3 -8.47 -4.55 5.66
C SER B 3 -9.02 -5.74 4.87
N TYR B 4 -8.52 -5.88 3.64
CA TYR B 4 -8.77 -7.06 2.81
C TYR B 4 -7.44 -7.77 2.62
N GLU B 5 -7.46 -9.09 2.57
CA GLU B 5 -6.20 -9.84 2.37
C GLU B 5 -6.44 -11.23 1.79
N PHE B 6 -5.38 -11.80 1.24
CA PHE B 6 -5.41 -13.13 0.59
C PHE B 6 -4.00 -13.65 0.55
N GLN B 7 -3.83 -14.89 1.01
CA GLN B 7 -2.54 -15.52 1.07
C GLN B 7 -2.60 -16.84 0.32
N THR B 8 -1.65 -17.00 -0.60
CA THR B 8 -1.51 -18.24 -1.33
C THR B 8 -0.06 -18.44 -1.72
N HIS B 9 0.17 -19.29 -2.72
CA HIS B 9 1.50 -19.56 -3.27
C HIS B 9 1.42 -19.46 -4.78
N LEU B 10 2.46 -18.95 -5.43
CA LEU B 10 2.47 -18.93 -6.89
C LEU B 10 2.43 -20.36 -7.43
N PRO B 11 1.68 -20.60 -8.53
CA PRO B 11 1.50 -21.93 -9.13
C PRO B 11 2.82 -22.70 -9.32
N LYS B 12 2.75 -24.03 -9.36
CA LYS B 12 1.47 -24.77 -9.45
C LYS B 12 1.01 -25.35 -8.13
N GLU B 23 9.67 -25.60 -4.94
CA GLU B 23 9.46 -24.72 -3.80
C GLU B 23 8.58 -23.53 -4.17
N ASN B 24 7.34 -23.56 -3.70
CA ASN B 24 6.36 -22.52 -4.04
C ASN B 24 6.50 -21.28 -3.17
N LYS B 25 6.69 -20.14 -3.84
CA LYS B 25 6.85 -18.85 -3.19
C LYS B 25 5.50 -18.35 -2.69
N GLU B 26 5.47 -17.77 -1.49
CA GLU B 26 4.23 -17.27 -0.90
C GLU B 26 3.82 -15.96 -1.57
N LEU B 27 2.58 -15.88 -2.04
CA LEU B 27 2.04 -14.62 -2.56
C LEU B 27 1.03 -14.08 -1.56
N TYR B 28 1.26 -12.84 -1.14
CA TYR B 28 0.37 -12.19 -0.17
C TYR B 28 -0.15 -10.87 -0.71
N VAL B 29 -1.47 -10.76 -0.73
CA VAL B 29 -2.12 -9.56 -1.19
C VAL B 29 -2.89 -8.97 -0.03
N GLN B 30 -2.83 -7.64 0.09
CA GLN B 30 -3.63 -6.93 1.09
C GLN B 30 -4.02 -5.58 0.53
N ALA B 31 -5.20 -5.11 0.91
CA ALA B 31 -5.68 -3.83 0.43
C ALA B 31 -6.44 -3.07 1.50
N THR B 32 -6.11 -1.79 1.60
CA THR B 32 -6.88 -0.85 2.40
C THR B 32 -7.56 0.15 1.46
N HIS B 33 -8.85 0.41 1.68
CA HIS B 33 -9.62 1.28 0.80
C HIS B 33 -9.84 2.60 1.51
N PHE B 34 -9.64 3.69 0.79
CA PHE B 34 -9.84 5.05 1.31
C PHE B 34 -10.79 5.81 0.39
N ASN B 35 -11.12 7.05 0.76
CA ASN B 35 -12.00 7.89 -0.07
C ASN B 35 -11.38 8.38 -1.37
N ASN B 36 -10.07 8.53 -1.37
CA ASN B 36 -9.36 9.01 -2.54
C ASN B 36 -8.66 7.90 -3.33
N THR B 37 -8.36 6.78 -2.67
CA THR B 37 -7.47 5.81 -3.28
C THR B 37 -7.67 4.44 -2.64
N ILE B 38 -7.14 3.42 -3.29
CA ILE B 38 -6.99 2.13 -2.65
C ILE B 38 -5.49 1.88 -2.56
N LEU B 39 -5.04 1.37 -1.42
CA LEU B 39 -3.64 1.00 -1.27
C LEU B 39 -3.53 -0.51 -1.30
N LEU B 40 -2.92 -1.04 -2.36
CA LEU B 40 -2.78 -2.47 -2.57
C LEU B 40 -1.34 -2.93 -2.37
N GLN B 41 -1.16 -3.98 -1.57
CA GLN B 41 0.14 -4.64 -1.40
C GLN B 41 0.13 -5.94 -2.16
N ILE B 42 1.20 -6.20 -2.91
CA ILE B 42 1.41 -7.54 -3.48
C ILE B 42 2.82 -8.03 -3.14
N ARG B 43 2.91 -8.89 -2.14
CA ARG B 43 4.20 -9.30 -1.62
C ARG B 43 4.58 -10.72 -2.05
N LEU B 44 5.86 -10.91 -2.35
CA LEU B 44 6.41 -12.21 -2.71
C LEU B 44 7.38 -12.61 -1.63
N ASN B 45 7.06 -13.69 -0.93
CA ASN B 45 7.78 -14.10 0.29
C ASN B 45 7.95 -12.93 1.27
N GLY B 46 6.91 -12.12 1.41
CA GLY B 46 6.90 -10.99 2.36
C GLY B 46 7.59 -9.74 1.81
N GLU B 47 8.25 -9.89 0.67
CA GLU B 47 9.04 -8.80 0.11
C GLU B 47 8.21 -7.89 -0.78
N MET B 48 8.64 -6.63 -0.83
CA MET B 48 7.93 -5.56 -1.51
C MET B 48 8.96 -4.46 -1.72
N ASP B 49 9.20 -4.06 -2.97
CA ASP B 49 10.33 -3.18 -3.28
C ASP B 49 10.01 -2.07 -4.28
N SER B 50 8.79 -2.07 -4.80
CA SER B 50 8.37 -1.06 -5.78
C SER B 50 7.02 -0.47 -5.41
N THR B 51 6.75 0.74 -5.88
CA THR B 51 5.44 1.36 -5.67
C THR B 51 5.09 2.20 -6.88
N TYR B 52 3.84 2.07 -7.32
CA TYR B 52 3.32 2.78 -8.48
C TYR B 52 1.99 3.42 -8.17
N GLU B 53 1.79 4.61 -8.72
CA GLU B 53 0.51 5.27 -8.65
C GLU B 53 -0.17 5.15 -10.01
N VAL B 54 -1.37 4.56 -10.00
CA VAL B 54 -2.17 4.38 -11.20
C VAL B 54 -3.41 5.29 -11.10
N SER B 55 -3.52 6.25 -12.00
CA SER B 55 -4.67 7.15 -12.04
C SER B 55 -5.26 7.29 -13.45
N SER B 56 -6.58 7.48 -13.52
CA SER B 56 -7.28 7.53 -14.80
C SER B 56 -7.06 8.85 -15.54
N LYS B 57 -6.83 8.74 -16.85
CA LYS B 57 -6.73 9.90 -17.73
C LYS B 57 -8.11 10.54 -17.96
N GLY B 58 -8.36 11.67 -17.31
CA GLY B 58 -9.60 12.46 -17.49
C GLY B 58 -10.89 11.68 -17.68
N LEU B 59 -11.74 12.19 -18.58
CA LEU B 59 -12.97 11.49 -18.98
C LEU B 59 -13.37 11.80 -20.43
N TYR B 80 -25.58 7.78 -42.90
CA TYR B 80 -26.03 7.28 -41.59
C TYR B 80 -24.92 7.44 -40.54
N ASP B 81 -25.20 6.98 -39.31
CA ASP B 81 -24.30 7.14 -38.16
C ASP B 81 -24.05 5.82 -37.42
N ASP B 82 -23.23 5.85 -36.36
CA ASP B 82 -22.89 4.61 -35.63
C ASP B 82 -22.82 4.75 -34.10
N GLU B 83 -23.11 3.63 -33.42
CA GLU B 83 -23.03 3.56 -31.96
C GLU B 83 -21.69 3.00 -31.49
N GLU B 84 -20.85 2.60 -32.45
CA GLU B 84 -19.56 2.01 -32.12
C GLU B 84 -18.57 3.07 -31.62
N GLU B 85 -18.73 4.31 -32.06
CA GLU B 85 -17.83 5.37 -31.62
C GLU B 85 -18.04 5.77 -30.16
N GLU B 86 -19.27 5.58 -29.65
CA GLU B 86 -19.48 5.70 -28.21
C GLU B 86 -19.11 4.44 -27.42
N PHE B 87 -19.26 3.26 -28.03
CA PHE B 87 -18.65 2.05 -27.43
C PHE B 87 -17.15 2.27 -27.24
N VAL B 88 -16.47 2.72 -28.30
CA VAL B 88 -15.04 3.04 -28.22
C VAL B 88 -14.76 4.03 -27.09
N ARG B 89 -15.45 5.16 -27.05
CA ARG B 89 -15.16 6.14 -26.00
C ARG B 89 -15.53 5.63 -24.61
N ASP B 90 -16.64 4.89 -24.52
CA ASP B 90 -17.09 4.33 -23.23
C ASP B 90 -16.23 3.16 -22.75
N HIS B 91 -15.32 2.66 -23.59
CA HIS B 91 -14.47 1.53 -23.22
C HIS B 91 -12.98 1.80 -23.45
N LEU B 92 -12.69 3.02 -23.86
CA LEU B 92 -11.35 3.56 -23.86
C LEU B 92 -11.07 3.82 -22.38
N SER B 93 -10.15 3.05 -21.81
CA SER B 93 -9.81 3.15 -20.40
C SER B 93 -8.29 3.29 -20.26
N ASP B 94 -7.79 4.52 -20.37
CA ASP B 94 -6.37 4.78 -20.24
C ASP B 94 -5.99 5.30 -18.86
N TYR B 95 -4.80 4.92 -18.42
CA TYR B 95 -4.29 5.33 -17.12
C TYR B 95 -2.88 5.91 -17.23
N GLN B 96 -2.52 6.69 -16.22
CA GLN B 96 -1.18 7.18 -16.04
C GLN B 96 -0.56 6.32 -14.93
N VAL B 97 0.55 5.65 -15.23
CA VAL B 97 1.30 4.88 -14.24
C VAL B 97 2.57 5.63 -13.87
N VAL B 98 2.65 6.05 -12.61
CA VAL B 98 3.83 6.77 -12.10
C VAL B 98 4.58 5.90 -11.10
N THR B 99 5.87 5.73 -11.35
CA THR B 99 6.75 4.98 -10.51
C THR B 99 7.21 5.85 -9.34
N LYS B 100 6.86 5.43 -8.13
CA LYS B 100 7.25 6.15 -6.92
C LYS B 100 8.50 5.53 -6.29
N LEU B 101 8.67 4.23 -6.52
CA LEU B 101 9.78 3.47 -5.97
C LEU B 101 10.04 2.28 -6.87
N GLY B 102 11.30 2.04 -7.22
CA GLY B 102 11.66 0.94 -8.12
C GLY B 102 11.91 1.36 -9.56
N ASP B 103 11.91 0.40 -10.48
CA ASP B 103 12.22 0.65 -11.90
C ASP B 103 11.10 1.39 -12.63
N SER B 104 11.45 2.52 -13.23
CA SER B 104 10.47 3.37 -13.94
C SER B 104 10.41 3.09 -15.44
N ALA B 105 11.02 2.00 -15.87
CA ALA B 105 11.11 1.66 -17.30
C ALA B 105 10.96 0.16 -17.51
N ASP B 106 10.11 -0.47 -16.71
CA ASP B 106 9.77 -1.86 -16.91
C ASP B 106 8.52 -1.94 -17.78
N PRO B 107 8.65 -2.53 -18.99
CA PRO B 107 7.50 -2.60 -19.89
C PRO B 107 6.33 -3.42 -19.33
N LYS B 108 6.61 -4.34 -18.42
CA LYS B 108 5.56 -5.19 -17.86
C LYS B 108 4.74 -4.51 -16.76
N VAL B 109 5.24 -3.42 -16.19
CA VAL B 109 4.55 -2.73 -15.09
C VAL B 109 3.24 -2.01 -15.47
N PRO B 110 3.28 -1.04 -16.43
CA PRO B 110 2.02 -0.39 -16.79
C PRO B 110 0.96 -1.36 -17.29
N VAL B 111 1.37 -2.54 -17.77
CA VAL B 111 0.39 -3.54 -18.20
C VAL B 111 -0.30 -4.15 -16.97
N VAL B 112 0.52 -4.60 -16.01
CA VAL B 112 0.01 -5.18 -14.76
C VAL B 112 -0.87 -4.18 -14.01
N CYS B 113 -0.34 -2.97 -13.83
CA CYS B 113 -1.05 -1.89 -13.13
C CYS B 113 -2.39 -1.50 -13.72
N VAL B 114 -2.45 -1.37 -15.04
CA VAL B 114 -3.71 -1.02 -15.69
C VAL B 114 -4.72 -2.15 -15.54
N GLN B 115 -4.24 -3.39 -15.63
CA GLN B 115 -5.14 -4.55 -15.54
C GLN B 115 -5.70 -4.63 -14.13
N ILE B 116 -4.83 -4.40 -13.13
CA ILE B 116 -5.29 -4.35 -11.73
C ILE B 116 -6.29 -3.21 -11.57
N ALA B 117 -5.95 -2.02 -12.10
CA ALA B 117 -6.85 -0.87 -12.05
C ALA B 117 -8.21 -1.16 -12.66
N GLU B 118 -8.21 -1.76 -13.85
CA GLU B 118 -9.47 -2.08 -14.53
C GLU B 118 -10.30 -3.12 -13.75
N LEU B 119 -9.61 -4.07 -13.12
CA LEU B 119 -10.30 -5.06 -12.28
C LEU B 119 -11.07 -4.34 -11.17
N TYR B 120 -10.38 -3.43 -10.49
CA TYR B 120 -11.02 -2.62 -9.45
C TYR B 120 -12.23 -1.83 -9.95
N ARG B 121 -12.08 -1.14 -11.08
CA ARG B 121 -13.16 -0.32 -11.65
C ARG B 121 -14.39 -1.09 -12.13
N ARG B 122 -14.16 -2.14 -12.89
CA ARG B 122 -15.24 -2.84 -13.59
C ARG B 122 -15.86 -3.98 -12.77
N VAL B 123 -15.05 -4.58 -11.89
CA VAL B 123 -15.46 -5.78 -11.15
C VAL B 123 -15.58 -5.55 -9.64
N ILE B 124 -14.47 -5.26 -8.97
CA ILE B 124 -14.41 -5.25 -7.51
C ILE B 124 -15.30 -4.17 -6.89
N LEU B 125 -15.16 -2.95 -7.39
CA LEU B 125 -16.08 -1.88 -7.02
C LEU B 125 -17.19 -1.84 -8.10
N PRO B 126 -18.43 -2.28 -7.76
CA PRO B 126 -18.96 -2.97 -6.59
C PRO B 126 -19.06 -4.48 -6.82
N GLU B 127 -19.11 -5.26 -5.74
CA GLU B 127 -19.12 -6.72 -5.88
C GLU B 127 -20.51 -7.29 -6.16
N GLN B 138 -13.94 9.44 -10.22
CA GLN B 138 -13.04 8.90 -9.20
C GLN B 138 -12.29 7.62 -9.62
N PHE B 139 -10.96 7.70 -9.69
CA PHE B 139 -10.07 6.51 -9.61
C PHE B 139 -8.57 6.76 -9.42
N SER B 140 -8.09 6.27 -8.28
CA SER B 140 -6.68 6.30 -7.94
C SER B 140 -6.35 4.98 -7.25
N LEU B 141 -5.20 4.41 -7.59
CA LEU B 141 -4.72 3.18 -6.99
C LEU B 141 -3.22 3.27 -6.77
N LEU B 142 -2.82 3.06 -5.53
CA LEU B 142 -1.41 2.99 -5.16
C LEU B 142 -1.05 1.51 -4.95
N ILE B 143 -0.06 1.04 -5.71
CA ILE B 143 0.32 -0.38 -5.66
C ILE B 143 1.76 -0.53 -5.21
N SER B 144 1.95 -1.20 -4.08
CA SER B 144 3.29 -1.55 -3.63
C SER B 144 3.45 -3.05 -3.85
N MET B 145 4.52 -3.44 -4.53
CA MET B 145 4.71 -4.83 -4.88
C MET B 145 6.16 -5.28 -4.98
N SER B 146 6.37 -6.59 -4.99
CA SER B 146 7.69 -7.17 -5.29
C SER B 146 7.89 -7.23 -6.81
N SER B 147 8.93 -6.57 -7.30
CA SER B 147 9.33 -6.65 -8.71
C SER B 147 9.71 -8.07 -9.13
N LYS B 148 10.02 -8.93 -8.16
CA LYS B 148 10.46 -10.29 -8.42
C LYS B 148 9.34 -11.26 -8.79
N ILE B 149 8.09 -10.80 -8.69
CA ILE B 149 6.94 -11.57 -9.18
C ILE B 149 6.96 -11.62 -10.71
N TRP B 150 7.49 -10.56 -11.32
CA TRP B 150 7.41 -10.37 -12.76
C TRP B 150 8.77 -10.58 -13.44
N SER B 157 10.90 -9.89 -25.09
CA SER B 157 11.25 -11.32 -25.07
C SER B 157 11.98 -11.74 -23.78
N ALA B 158 12.05 -10.82 -22.82
CA ALA B 158 12.65 -11.08 -21.50
C ALA B 158 11.75 -11.95 -20.62
N ASP B 159 10.46 -11.98 -20.95
CA ASP B 159 9.42 -12.56 -20.09
C ASP B 159 9.50 -14.06 -19.83
N ASP B 160 8.76 -14.49 -18.82
CA ASP B 160 8.93 -15.79 -18.18
C ASP B 160 7.71 -16.71 -18.42
N ASN B 161 6.56 -16.27 -17.94
CA ASN B 161 5.28 -16.98 -18.07
C ASN B 161 4.17 -15.97 -17.79
N ASP B 162 4.20 -14.87 -18.52
CA ASP B 162 3.63 -13.59 -18.08
C ASP B 162 2.11 -13.48 -18.07
N PHE B 163 1.42 -14.13 -19.01
CA PHE B 163 -0.03 -14.08 -19.02
C PHE B 163 -0.63 -14.93 -17.91
N GLY B 164 -0.11 -16.15 -17.75
CA GLY B 164 -0.57 -17.05 -16.70
C GLY B 164 -0.36 -16.46 -15.31
N LYS B 165 0.82 -15.85 -15.13
CA LYS B 165 1.16 -15.22 -13.86
C LYS B 165 0.30 -13.97 -13.62
N LEU B 166 0.02 -13.20 -14.68
CA LEU B 166 -0.88 -12.05 -14.59
C LEU B 166 -2.29 -12.46 -14.19
N VAL B 167 -2.81 -13.49 -14.86
CA VAL B 167 -4.15 -13.97 -14.58
C VAL B 167 -4.28 -14.49 -13.14
N PHE B 168 -3.28 -15.22 -12.67
CA PHE B 168 -3.29 -15.74 -11.30
C PHE B 168 -3.34 -14.63 -10.25
N VAL B 169 -2.49 -13.62 -10.41
CA VAL B 169 -2.47 -12.47 -9.51
C VAL B 169 -3.81 -11.72 -9.54
N LEU B 170 -4.36 -11.50 -10.73
CA LEU B 170 -5.70 -10.90 -10.85
C LEU B 170 -6.77 -11.71 -10.10
N LYS B 171 -6.77 -13.03 -10.30
CA LYS B 171 -7.66 -13.93 -9.54
C LYS B 171 -7.49 -13.78 -8.01
N CYS B 172 -6.26 -13.68 -7.55
CA CYS B 172 -5.98 -13.54 -6.11
C CYS B 172 -6.61 -12.25 -5.57
N ILE B 173 -6.49 -11.17 -6.34
CA ILE B 173 -7.01 -9.86 -5.95
C ILE B 173 -8.53 -9.89 -5.89
N LYS B 174 -9.16 -10.50 -6.90
CA LYS B 174 -10.61 -10.72 -6.93
C LYS B 174 -11.10 -11.64 -5.79
N ASP B 175 -10.33 -12.68 -5.47
CA ASP B 175 -10.70 -13.64 -4.43
C ASP B 175 -10.60 -13.03 -3.03
N MET B 176 -9.75 -12.02 -2.90
CA MET B 176 -9.70 -11.19 -1.72
C MET B 176 -11.08 -10.55 -1.44
N TYR B 177 -11.82 -10.28 -2.52
CA TYR B 177 -12.92 -9.27 -2.65
C TYR B 177 -12.30 -7.86 -2.67
N ALA B 178 -11.27 -7.75 -3.49
CA ALA B 178 -10.18 -6.75 -3.36
C ALA B 178 -10.33 -5.57 -2.40
#